data_3Q0Q
#
_entry.id   3Q0Q
#
_cell.length_a   36.438
_cell.length_b   43.030
_cell.length_c   60.845
_cell.angle_alpha   71.61
_cell.angle_beta   85.73
_cell.angle_gamma   77.99
#
_symmetry.space_group_name_H-M   'P 1'
#
loop_
_entity.id
_entity.type
_entity.pdbx_description
1 polymer 'Pumilio homolog 2'
2 polymer "5'-R(UP*GP*UP*AP*AP*AP*UP*A)-3'"
3 water water
#
loop_
_entity_poly.entity_id
_entity_poly.type
_entity_poly.pdbx_seq_one_letter_code
_entity_poly.pdbx_strand_id
1 'polypeptide(L)'
;GRSRLLEDFRNNRFPNLQLRDLIGHIVEFSQDQHGSRFIQQKLERATPAERQMVFNEILQAAYQLMTDVFGNYVIQKFFE
FGSLDQKLALATRIRGHVLPLALQMYGCRVIQKALESISSDQQVISEMVKELDGHVLKCVKDQNGNHVVQKCIECVQPQS
LQFIIDAFKGQVFVLSTHPYGCRVIQRILEHCTAEQTLPILEELHQHTEQLVQDQYGNYVIQHVLEHGRPEDKSKIVSEI
RGKVLALSQHKFASNVVEKCVTHASRAERALLIDEVCCQNDGPHSALYTMMKDQYANYVVQKMIDMAEPAQRKIIMHKIR
PHITTLRKYTYGKHILAKLEKYYLKNSPDLG
;
A
2 'polyribonucleotide' UGUAAAUA B
#
loop_
_chem_comp.id
_chem_comp.type
_chem_comp.name
_chem_comp.formula
A RNA linking ADENOSINE-5'-MONOPHOSPHATE 'C10 H14 N5 O7 P'
G RNA linking GUANOSINE-5'-MONOPHOSPHATE 'C10 H14 N5 O8 P'
U RNA linking URIDINE-5'-MONOPHOSPHATE 'C9 H13 N2 O9 P'
#
# COMPACT_ATOMS: atom_id res chain seq x y z
N GLY A 1 -23.02 29.02 18.18
CA GLY A 1 -24.46 28.93 18.05
C GLY A 1 -24.92 28.88 16.59
N ARG A 2 -25.88 28.02 16.31
CA ARG A 2 -26.35 27.83 14.94
C ARG A 2 -27.20 28.99 14.44
N SER A 3 -26.71 29.68 13.42
CA SER A 3 -27.42 30.84 12.89
C SER A 3 -28.76 30.42 12.34
N ARG A 4 -29.65 31.40 12.17
CA ARG A 4 -30.93 31.16 11.51
C ARG A 4 -30.75 30.68 10.08
N LEU A 5 -29.78 31.25 9.37
CA LEU A 5 -29.54 30.88 7.97
C LEU A 5 -29.20 29.40 7.81
N LEU A 6 -28.38 28.86 8.71
CA LEU A 6 -28.03 27.44 8.68
C LEU A 6 -29.21 26.57 9.09
N GLU A 7 -29.93 26.98 10.13
CA GLU A 7 -31.13 26.27 10.54
C GLU A 7 -32.10 26.24 9.35
N ASP A 8 -32.29 27.39 8.73
CA ASP A 8 -33.21 27.53 7.60
C ASP A 8 -32.80 26.66 6.41
N PHE A 9 -31.50 26.57 6.17
CA PHE A 9 -30.98 25.73 5.10
C PHE A 9 -31.14 24.25 5.42
N ARG A 10 -30.79 23.87 6.64
CA ARG A 10 -31.01 22.48 7.05
C ARG A 10 -32.48 22.05 6.95
N ASN A 11 -33.41 23.01 7.09
CA ASN A 11 -34.86 22.73 6.98
C ASN A 11 -35.39 22.83 5.54
N ASN A 12 -34.48 22.95 4.58
CA ASN A 12 -34.83 23.00 3.16
C ASN A 12 -35.62 24.25 2.71
N ARG A 13 -35.44 25.37 3.42
CA ARG A 13 -36.17 26.60 3.07
C ARG A 13 -35.48 27.34 1.92
N PHE A 14 -34.26 26.93 1.57
CA PHE A 14 -33.49 27.58 0.53
C PHE A 14 -33.11 26.58 -0.55
N PRO A 15 -34.11 25.95 -1.20
CA PRO A 15 -33.90 24.83 -2.12
C PRO A 15 -32.93 25.14 -3.25
N ASN A 16 -32.86 26.39 -3.69
CA ASN A 16 -31.92 26.76 -4.74
C ASN A 16 -30.81 27.71 -4.27
N LEU A 17 -30.38 27.53 -3.02
CA LEU A 17 -29.30 28.34 -2.44
C LEU A 17 -28.05 28.48 -3.33
N GLN A 18 -27.51 29.68 -3.41
CA GLN A 18 -26.27 29.89 -4.18
C GLN A 18 -25.11 30.30 -3.29
N LEU A 19 -23.92 29.84 -3.65
CA LEU A 19 -22.72 30.06 -2.86
C LEU A 19 -22.64 31.51 -2.39
N ARG A 20 -22.99 32.45 -3.27
CA ARG A 20 -22.89 33.87 -2.95
C ARG A 20 -23.71 34.24 -1.72
N ASP A 21 -24.76 33.48 -1.44
CA ASP A 21 -25.67 33.82 -0.34
C ASP A 21 -25.08 33.40 1.00
N LEU A 22 -23.93 32.73 0.96
CA LEU A 22 -23.28 32.26 2.18
C LEU A 22 -22.22 33.21 2.69
N ILE A 23 -22.12 34.40 2.11
CA ILE A 23 -21.10 35.33 2.56
C ILE A 23 -21.27 35.56 4.07
N GLY A 24 -20.19 35.34 4.82
CA GLY A 24 -20.21 35.52 6.26
C GLY A 24 -20.49 34.24 7.02
N HIS A 25 -20.83 33.19 6.29
CA HIS A 25 -21.39 31.98 6.91
C HIS A 25 -20.66 30.75 6.42
N ILE A 26 -19.61 30.96 5.65
CA ILE A 26 -18.88 29.86 5.03
C ILE A 26 -18.32 28.93 6.10
N VAL A 27 -17.70 29.49 7.13
CA VAL A 27 -17.07 28.66 8.15
C VAL A 27 -18.13 27.88 8.95
N GLU A 28 -19.21 28.54 9.33
CA GLU A 28 -20.31 27.84 10.00
C GLU A 28 -20.87 26.69 9.16
N PHE A 29 -21.09 26.94 7.88
CA PHE A 29 -21.63 25.90 7.01
C PHE A 29 -20.67 24.75 6.80
N SER A 30 -19.37 25.06 6.75
CA SER A 30 -18.36 24.03 6.49
C SER A 30 -18.29 23.00 7.62
N GLN A 31 -18.63 23.43 8.83
CA GLN A 31 -18.60 22.55 10.00
C GLN A 31 -19.93 21.79 10.18
N ASP A 32 -20.85 22.00 9.25
CA ASP A 32 -22.15 21.32 9.28
C ASP A 32 -22.13 20.24 8.21
N GLN A 33 -22.68 19.06 8.50
CA GLN A 33 -22.55 18.02 7.50
C GLN A 33 -23.22 18.38 6.19
N HIS A 34 -24.44 18.91 6.26
CA HIS A 34 -25.15 19.26 5.04
C HIS A 34 -24.59 20.52 4.37
N GLY A 35 -24.26 21.54 5.16
CA GLY A 35 -23.66 22.74 4.61
C GLY A 35 -22.31 22.46 3.96
N SER A 36 -21.57 21.51 4.53
CA SER A 36 -20.28 21.15 3.97
C SER A 36 -20.44 20.48 2.61
N ARG A 37 -21.34 19.51 2.51
CA ARG A 37 -21.66 18.89 1.22
C ARG A 37 -22.15 19.92 0.20
N PHE A 38 -22.99 20.85 0.64
CA PHE A 38 -23.41 21.95 -0.22
C PHE A 38 -22.21 22.75 -0.76
N ILE A 39 -21.30 23.19 0.12
CA ILE A 39 -20.15 23.98 -0.33
C ILE A 39 -19.26 23.14 -1.29
N GLN A 40 -19.00 21.88 -0.94
CA GLN A 40 -18.29 20.98 -1.85
C GLN A 40 -18.93 20.95 -3.25
N GLN A 41 -20.23 20.78 -3.33
CA GLN A 41 -20.92 20.69 -4.62
C GLN A 41 -20.79 21.99 -5.43
N LYS A 42 -21.03 23.11 -4.77
CA LYS A 42 -20.99 24.41 -5.46
C LYS A 42 -19.57 24.82 -5.93
N LEU A 43 -18.54 24.39 -5.19
CA LEU A 43 -17.17 24.73 -5.58
C LEU A 43 -16.79 24.18 -6.96
N GLU A 44 -17.39 23.07 -7.35
CA GLU A 44 -17.11 22.43 -8.64
C GLU A 44 -17.76 23.13 -9.84
N ARG A 45 -18.68 24.06 -9.58
CA ARG A 45 -19.31 24.80 -10.66
C ARG A 45 -19.01 26.28 -10.48
N ALA A 46 -18.62 26.66 -9.27
CA ALA A 46 -18.38 28.06 -8.92
C ALA A 46 -17.45 28.77 -9.91
N THR A 47 -17.73 30.04 -10.17
CA THR A 47 -16.81 30.89 -10.94
C THR A 47 -15.58 31.17 -10.10
N PRO A 48 -14.48 31.63 -10.73
CA PRO A 48 -13.29 31.96 -9.93
C PRO A 48 -13.52 33.04 -8.86
N ALA A 49 -14.32 34.07 -9.13
CA ALA A 49 -14.56 35.08 -8.10
C ALA A 49 -15.31 34.45 -6.93
N GLU A 50 -16.19 33.50 -7.23
CA GLU A 50 -16.96 32.84 -6.19
C GLU A 50 -16.11 31.94 -5.32
N ARG A 51 -15.18 31.19 -5.94
CA ARG A 51 -14.24 30.35 -5.20
C ARG A 51 -13.43 31.23 -4.26
N GLN A 52 -13.01 32.37 -4.77
CA GLN A 52 -12.16 33.29 -4.01
C GLN A 52 -12.89 33.85 -2.81
N MET A 53 -14.18 34.15 -3.00
CA MET A 53 -15.00 34.62 -1.88
C MET A 53 -15.04 33.58 -0.76
N VAL A 54 -15.24 32.31 -1.14
CA VAL A 54 -15.25 31.21 -0.19
C VAL A 54 -13.87 31.01 0.44
N PHE A 55 -12.85 31.04 -0.41
CA PHE A 55 -11.47 30.93 0.03
C PHE A 55 -11.15 31.96 1.11
N ASN A 56 -11.44 33.22 0.84
CA ASN A 56 -11.10 34.27 1.80
C ASN A 56 -11.62 33.93 3.18
N GLU A 57 -12.76 33.27 3.22
CA GLU A 57 -13.38 32.97 4.52
C GLU A 57 -12.78 31.71 5.12
N ILE A 58 -12.56 30.69 4.30
CA ILE A 58 -12.00 29.45 4.81
C ILE A 58 -10.54 29.63 5.30
N LEU A 59 -9.77 30.46 4.61
CA LEU A 59 -8.38 30.71 5.01
C LEU A 59 -8.31 31.21 6.46
N GLN A 60 -9.26 32.06 6.85
CA GLN A 60 -9.28 32.66 8.17
C GLN A 60 -9.44 31.64 9.31
N ALA A 61 -10.04 30.49 9.00
CA ALA A 61 -10.26 29.46 10.02
C ALA A 61 -9.74 28.10 9.54
N ALA A 62 -8.67 28.15 8.76
CA ALA A 62 -8.23 26.97 8.01
C ALA A 62 -7.88 25.80 8.92
N TYR A 63 -7.12 26.05 9.99
CA TYR A 63 -6.69 24.97 10.86
C TYR A 63 -7.89 24.29 11.52
N GLN A 64 -8.82 25.12 12.00
CA GLN A 64 -10.04 24.63 12.62
C GLN A 64 -10.81 23.68 11.69
N LEU A 65 -10.97 24.08 10.43
CA LEU A 65 -11.69 23.25 9.45
C LEU A 65 -10.92 21.97 9.11
N MET A 66 -9.59 22.07 9.09
CA MET A 66 -8.74 20.94 8.72
C MET A 66 -8.93 19.77 9.70
N THR A 67 -9.24 20.09 10.94
CA THR A 67 -9.43 19.06 11.96
C THR A 67 -10.91 18.82 12.26
N ASP A 68 -11.78 19.32 11.39
CA ASP A 68 -13.22 19.16 11.59
C ASP A 68 -13.73 17.98 10.79
N VAL A 69 -14.60 17.18 11.41
CA VAL A 69 -15.19 16.02 10.75
C VAL A 69 -15.84 16.35 9.41
N PHE A 70 -16.44 17.53 9.27
CA PHE A 70 -17.06 17.88 7.99
C PHE A 70 -16.29 18.96 7.21
N GLY A 71 -15.64 19.87 7.93
CA GLY A 71 -14.91 20.95 7.28
C GLY A 71 -13.67 20.50 6.55
N ASN A 72 -13.08 19.37 6.96
CA ASN A 72 -11.87 18.91 6.28
C ASN A 72 -12.08 18.68 4.78
N TYR A 73 -13.30 18.29 4.39
CA TYR A 73 -13.61 18.10 2.97
C TYR A 73 -13.65 19.40 2.17
N VAL A 74 -14.03 20.49 2.83
CA VAL A 74 -14.05 21.78 2.14
C VAL A 74 -12.62 22.22 1.86
N ILE A 75 -11.75 22.06 2.86
CA ILE A 75 -10.32 22.29 2.70
C ILE A 75 -9.77 21.45 1.55
N GLN A 76 -10.07 20.15 1.55
CA GLN A 76 -9.58 19.29 0.46
C GLN A 76 -10.05 19.74 -0.93
N LYS A 77 -11.26 20.30 -1.00
CA LYS A 77 -11.82 20.75 -2.29
C LYS A 77 -11.03 21.89 -2.92
N PHE A 78 -10.41 22.73 -2.11
CA PHE A 78 -9.49 23.75 -2.65
C PHE A 78 -8.15 23.17 -3.11
N PHE A 79 -7.69 22.11 -2.44
CA PHE A 79 -6.51 21.42 -2.97
C PHE A 79 -6.84 20.78 -4.31
N GLU A 80 -8.12 20.50 -4.54
CA GLU A 80 -8.57 19.93 -5.82
C GLU A 80 -8.77 21.01 -6.90
N PHE A 81 -9.43 22.10 -6.54
CA PHE A 81 -9.93 23.05 -7.54
C PHE A 81 -9.36 24.45 -7.43
N GLY A 82 -8.51 24.67 -6.42
CA GLY A 82 -7.95 25.99 -6.23
C GLY A 82 -6.82 26.24 -7.21
N SER A 83 -6.40 27.49 -7.28
CA SER A 83 -5.19 27.83 -8.02
C SER A 83 -3.99 27.64 -7.08
N LEU A 84 -2.76 27.69 -7.61
CA LEU A 84 -1.60 27.39 -6.78
C LEU A 84 -1.44 28.35 -5.61
N ASP A 85 -1.72 29.63 -5.82
CA ASP A 85 -1.56 30.59 -4.74
C ASP A 85 -2.50 30.25 -3.60
N GLN A 86 -3.68 29.75 -3.92
CA GLN A 86 -4.62 29.29 -2.90
C GLN A 86 -4.10 28.06 -2.14
N LYS A 87 -3.67 27.04 -2.87
CA LYS A 87 -3.12 25.83 -2.24
C LYS A 87 -1.98 26.15 -1.26
N LEU A 88 -1.04 26.96 -1.72
CA LEU A 88 0.15 27.35 -0.94
C LEU A 88 -0.26 28.11 0.30
N ALA A 89 -1.26 28.98 0.15
CA ALA A 89 -1.76 29.72 1.30
C ALA A 89 -2.35 28.77 2.34
N LEU A 90 -3.13 27.79 1.90
CA LEU A 90 -3.66 26.80 2.84
C LEU A 90 -2.56 25.96 3.46
N ALA A 91 -1.57 25.55 2.65
CA ALA A 91 -0.46 24.71 3.14
C ALA A 91 0.35 25.44 4.21
N THR A 92 0.45 26.75 4.05
CA THR A 92 1.05 27.62 5.04
C THR A 92 0.36 27.44 6.39
N ARG A 93 -0.91 27.06 6.38
CA ARG A 93 -1.64 26.90 7.62
C ARG A 93 -1.43 25.49 8.21
N ILE A 94 -0.97 24.56 7.38
CA ILE A 94 -0.58 23.23 7.84
C ILE A 94 0.78 23.30 8.50
N ARG A 95 1.68 24.05 7.87
CA ARG A 95 3.06 24.20 8.34
C ARG A 95 3.06 24.69 9.77
N GLY A 96 3.93 24.09 10.58
CA GLY A 96 3.99 24.40 11.99
C GLY A 96 3.22 23.37 12.78
N HIS A 97 2.34 22.65 12.09
CA HIS A 97 1.38 21.74 12.73
C HIS A 97 1.33 20.35 12.10
N VAL A 98 2.33 20.01 11.29
CA VAL A 98 2.32 18.77 10.52
C VAL A 98 2.18 17.51 11.37
N LEU A 99 2.86 17.44 12.51
CA LEU A 99 2.80 16.22 13.34
C LEU A 99 1.41 15.93 13.91
N PRO A 100 0.82 16.89 14.66
CA PRO A 100 -0.55 16.70 15.14
C PRO A 100 -1.56 16.41 14.04
N LEU A 101 -1.51 17.16 12.95
CA LEU A 101 -2.44 16.91 11.84
C LEU A 101 -2.29 15.50 11.31
N ALA A 102 -1.04 15.03 11.17
CA ALA A 102 -0.77 13.72 10.57
C ALA A 102 -1.33 12.58 11.40
N LEU A 103 -1.50 12.82 12.70
CA LEU A 103 -1.99 11.81 13.61
C LEU A 103 -3.51 11.91 13.79
N GLN A 104 -4.08 13.00 13.28
CA GLN A 104 -5.49 13.31 13.49
C GLN A 104 -6.33 12.70 12.38
N MET A 105 -7.49 12.16 12.72
CA MET A 105 -8.31 11.44 11.73
C MET A 105 -8.61 12.26 10.48
N TYR A 106 -8.89 13.55 10.64
CA TYR A 106 -9.29 14.36 9.52
C TYR A 106 -8.09 15.14 8.98
N GLY A 107 -7.26 15.68 9.87
CA GLY A 107 -6.07 16.42 9.49
C GLY A 107 -5.18 15.61 8.56
N CYS A 108 -5.09 14.31 8.78
CA CYS A 108 -4.21 13.49 7.94
C CYS A 108 -4.66 13.42 6.47
N ARG A 109 -5.96 13.54 6.22
CA ARG A 109 -6.47 13.56 4.85
C ARG A 109 -6.06 14.85 4.17
N VAL A 110 -6.20 15.95 4.90
CA VAL A 110 -5.79 17.26 4.39
C VAL A 110 -4.32 17.24 3.96
N ILE A 111 -3.45 16.71 4.82
CA ILE A 111 -2.03 16.67 4.49
C ILE A 111 -1.74 15.86 3.23
N GLN A 112 -2.34 14.69 3.13
CA GLN A 112 -2.18 13.89 1.93
C GLN A 112 -2.71 14.62 0.70
N LYS A 113 -3.84 15.30 0.86
CA LYS A 113 -4.35 16.07 -0.28
C LYS A 113 -3.39 17.17 -0.72
N ALA A 114 -2.78 17.88 0.24
CA ALA A 114 -1.79 18.90 -0.14
C ALA A 114 -0.61 18.30 -0.88
N LEU A 115 -0.12 17.16 -0.39
CA LEU A 115 1.02 16.47 -1.00
C LEU A 115 0.69 16.06 -2.43
N GLU A 116 -0.57 15.73 -2.67
CA GLU A 116 -0.94 15.34 -4.03
C GLU A 116 -1.19 16.55 -4.91
N SER A 117 -1.41 17.72 -4.29
CA SER A 117 -1.91 18.90 -4.99
C SER A 117 -0.87 19.98 -5.23
N ILE A 118 0.18 19.99 -4.40
CA ILE A 118 1.23 20.99 -4.54
C ILE A 118 2.53 20.34 -4.98
N SER A 119 3.06 20.88 -6.07
CA SER A 119 4.35 20.49 -6.62
C SER A 119 5.40 20.31 -5.52
N SER A 120 6.13 19.20 -5.58
CA SER A 120 7.13 18.87 -4.57
C SER A 120 8.25 19.89 -4.42
N ASP A 121 8.54 20.63 -5.50
CA ASP A 121 9.63 21.59 -5.48
C ASP A 121 9.25 22.89 -4.77
N GLN A 122 8.01 22.99 -4.31
CA GLN A 122 7.59 24.18 -3.60
C GLN A 122 8.10 24.10 -2.17
N GLN A 123 8.61 25.22 -1.67
CA GLN A 123 9.27 25.26 -0.37
C GLN A 123 8.41 24.65 0.73
N VAL A 124 7.12 24.94 0.76
CA VAL A 124 6.21 24.34 1.75
C VAL A 124 6.40 22.84 2.05
N ILE A 125 6.19 21.99 1.04
CA ILE A 125 6.05 20.56 1.23
C ILE A 125 7.39 20.07 1.73
N SER A 126 8.42 20.76 1.31
CA SER A 126 9.76 20.52 1.83
C SER A 126 9.74 20.76 3.34
N GLU A 127 9.32 21.96 3.74
CA GLU A 127 9.20 22.29 5.15
C GLU A 127 8.26 21.31 5.85
N MET A 128 7.14 20.99 5.21
CA MET A 128 6.14 20.13 5.81
C MET A 128 6.69 18.73 6.10
N VAL A 129 7.42 18.18 5.14
CA VAL A 129 7.94 16.81 5.25
C VAL A 129 9.00 16.73 6.36
N LYS A 130 9.84 17.75 6.44
CA LYS A 130 10.87 17.80 7.47
C LYS A 130 10.30 17.82 8.87
N GLU A 131 9.07 18.31 9.02
CA GLU A 131 8.47 18.33 10.36
C GLU A 131 8.28 16.92 10.92
N LEU A 132 8.31 15.91 10.04
CA LEU A 132 8.17 14.53 10.49
C LEU A 132 9.49 13.94 11.00
N ASP A 133 10.59 14.65 10.77
CA ASP A 133 11.90 14.20 11.24
C ASP A 133 11.90 14.09 12.76
N GLY A 134 12.21 12.89 13.27
CA GLY A 134 12.20 12.64 14.69
C GLY A 134 10.90 12.01 15.17
N HIS A 135 9.97 11.80 14.23
CA HIS A 135 8.66 11.25 14.56
C HIS A 135 8.23 10.15 13.59
N VAL A 136 9.15 9.68 12.76
CA VAL A 136 8.79 8.77 11.67
C VAL A 136 8.19 7.45 12.15
N LEU A 137 8.80 6.84 13.15
CA LEU A 137 8.31 5.54 13.64
C LEU A 137 6.95 5.68 14.31
N LYS A 138 6.75 6.78 15.03
CA LYS A 138 5.46 6.97 15.66
C LYS A 138 4.38 7.09 14.58
N CYS A 139 4.69 7.82 13.51
CA CYS A 139 3.71 8.02 12.42
C CYS A 139 3.44 6.71 11.66
N VAL A 140 4.50 5.96 11.40
CA VAL A 140 4.38 4.72 10.64
C VAL A 140 3.44 3.73 11.32
N LYS A 141 3.44 3.72 12.65
CA LYS A 141 2.67 2.77 13.41
C LYS A 141 1.24 3.27 13.68
N ASP A 142 1.00 4.53 13.36
CA ASP A 142 -0.27 5.19 13.66
C ASP A 142 -1.26 5.00 12.52
N GLN A 143 -2.53 4.80 12.85
CA GLN A 143 -3.55 4.47 11.84
C GLN A 143 -3.78 5.60 10.84
N ASN A 144 -3.45 6.83 11.22
CA ASN A 144 -3.60 7.99 10.35
C ASN A 144 -2.29 8.43 9.76
N GLY A 145 -1.27 8.49 10.60
CA GLY A 145 0.06 8.90 10.19
C GLY A 145 0.71 8.01 9.15
N ASN A 146 0.41 6.72 9.15
CA ASN A 146 1.10 5.83 8.22
C ASN A 146 0.75 6.14 6.76
N HIS A 147 -0.44 6.69 6.53
CA HIS A 147 -0.83 7.09 5.18
C HIS A 147 -0.08 8.38 4.80
N VAL A 148 0.17 9.24 5.77
CA VAL A 148 0.90 10.46 5.51
C VAL A 148 2.34 10.14 5.13
N VAL A 149 2.93 9.18 5.84
CA VAL A 149 4.30 8.77 5.54
C VAL A 149 4.38 8.16 4.15
N GLN A 150 3.45 7.27 3.81
CA GLN A 150 3.41 6.68 2.48
C GLN A 150 3.25 7.74 1.37
N LYS A 151 2.37 8.72 1.60
CA LYS A 151 2.16 9.80 0.61
C LYS A 151 3.38 10.68 0.40
N CYS A 152 4.13 10.98 1.47
CA CYS A 152 5.40 11.69 1.33
C CYS A 152 6.35 10.90 0.41
N ILE A 153 6.50 9.62 0.67
CA ILE A 153 7.38 8.77 -0.13
C ILE A 153 6.94 8.73 -1.59
N GLU A 154 5.62 8.63 -1.79
CA GLU A 154 5.05 8.58 -3.14
C GLU A 154 5.22 9.89 -3.93
N CYS A 155 5.22 11.03 -3.24
CA CYS A 155 5.15 12.33 -3.93
C CYS A 155 6.42 13.19 -3.92
N VAL A 156 7.27 13.03 -2.91
CA VAL A 156 8.39 13.93 -2.71
C VAL A 156 9.71 13.35 -3.29
N GLN A 157 10.69 14.20 -3.61
CA GLN A 157 11.96 13.73 -4.16
C GLN A 157 12.70 12.89 -3.14
N PRO A 158 13.09 11.67 -3.54
CA PRO A 158 13.65 10.66 -2.63
C PRO A 158 14.78 11.18 -1.75
N GLN A 159 15.62 12.05 -2.30
CA GLN A 159 16.78 12.54 -1.56
C GLN A 159 16.37 13.21 -0.27
N SER A 160 15.25 13.93 -0.30
CA SER A 160 14.80 14.63 0.91
C SER A 160 14.23 13.66 1.94
N LEU A 161 14.10 12.39 1.59
CA LEU A 161 13.54 11.40 2.49
C LEU A 161 14.61 10.57 3.21
N GLN A 162 15.84 11.04 3.24
CA GLN A 162 16.89 10.26 3.89
C GLN A 162 16.61 10.01 5.37
N PHE A 163 15.98 10.99 6.03
CA PHE A 163 15.64 10.83 7.44
C PHE A 163 14.67 9.67 7.72
N ILE A 164 13.78 9.35 6.77
CA ILE A 164 12.89 8.18 6.90
C ILE A 164 13.68 6.87 6.86
N ILE A 165 14.57 6.78 5.88
CA ILE A 165 15.48 5.65 5.73
C ILE A 165 16.30 5.45 7.01
N ASP A 166 16.93 6.52 7.49
CA ASP A 166 17.73 6.41 8.71
C ASP A 166 16.87 5.93 9.86
N ALA A 167 15.62 6.38 9.87
CA ALA A 167 14.68 6.02 10.93
C ALA A 167 14.47 4.51 10.96
N PHE A 168 14.58 3.89 9.79
CA PHE A 168 14.27 2.47 9.69
C PHE A 168 15.44 1.56 10.01
N LYS A 169 16.58 2.15 10.35
CA LYS A 169 17.79 1.38 10.60
C LYS A 169 17.59 0.40 11.76
N GLY A 170 17.78 -0.88 11.49
CA GLY A 170 17.58 -1.90 12.48
C GLY A 170 16.11 -2.21 12.77
N GLN A 171 15.19 -1.55 12.07
CA GLN A 171 13.74 -1.77 12.31
C GLN A 171 13.02 -2.44 11.15
N VAL A 172 13.75 -2.82 10.11
CA VAL A 172 13.08 -3.33 8.93
C VAL A 172 12.40 -4.68 9.18
N PHE A 173 13.03 -5.54 9.99
CA PHE A 173 12.38 -6.82 10.35
C PHE A 173 11.03 -6.56 11.04
N VAL A 174 11.08 -5.80 12.13
CA VAL A 174 9.90 -5.57 12.95
C VAL A 174 8.81 -4.88 12.12
N LEU A 175 9.17 -3.82 11.42
CA LEU A 175 8.20 -3.06 10.65
C LEU A 175 7.60 -3.81 9.44
N SER A 176 8.34 -4.75 8.88
CA SER A 176 7.80 -5.57 7.78
C SER A 176 6.68 -6.53 8.21
N THR A 177 6.55 -6.77 9.52
CA THR A 177 5.51 -7.67 10.02
C THR A 177 4.36 -6.81 10.49
N HIS A 178 4.56 -5.50 10.41
CA HIS A 178 3.57 -4.55 10.89
C HIS A 178 2.56 -4.19 9.78
N PRO A 179 1.26 -4.16 10.11
CA PRO A 179 0.19 -3.90 9.14
C PRO A 179 0.41 -2.65 8.30
N TYR A 180 0.98 -1.59 8.89
CA TYR A 180 1.30 -0.38 8.12
C TYR A 180 2.77 -0.31 7.68
N GLY A 181 3.68 -0.75 8.54
CA GLY A 181 5.11 -0.74 8.21
C GLY A 181 5.40 -1.45 6.91
N CYS A 182 4.83 -2.63 6.73
CA CYS A 182 5.04 -3.38 5.49
C CYS A 182 4.66 -2.53 4.27
N ARG A 183 3.61 -1.72 4.40
CA ARG A 183 3.17 -0.85 3.31
C ARG A 183 4.18 0.27 3.13
N VAL A 184 4.69 0.77 4.26
CA VAL A 184 5.67 1.84 4.18
C VAL A 184 6.97 1.30 3.55
N ILE A 185 7.38 0.10 3.92
CA ILE A 185 8.58 -0.49 3.36
C ILE A 185 8.45 -0.64 1.85
N GLN A 186 7.28 -1.09 1.43
CA GLN A 186 7.08 -1.35 0.02
C GLN A 186 7.15 -0.04 -0.79
N ARG A 187 6.59 1.05 -0.27
CA ARG A 187 6.70 2.34 -0.95
C ARG A 187 8.17 2.81 -1.02
N ILE A 188 8.94 2.51 0.02
CA ILE A 188 10.36 2.86 0.02
C ILE A 188 11.06 2.13 -1.11
N LEU A 189 10.79 0.84 -1.24
CA LEU A 189 11.42 0.04 -2.27
C LEU A 189 11.04 0.52 -3.67
N GLU A 190 9.85 1.11 -3.82
CA GLU A 190 9.39 1.57 -5.13
C GLU A 190 10.00 2.92 -5.50
N HIS A 191 10.18 3.78 -4.51
CA HIS A 191 10.44 5.18 -4.77
C HIS A 191 11.82 5.71 -4.43
N CYS A 192 12.49 5.11 -3.46
CA CYS A 192 13.79 5.63 -3.02
C CYS A 192 14.89 5.10 -3.94
N THR A 193 16.09 5.68 -3.82
CA THR A 193 17.21 5.31 -4.67
C THR A 193 17.86 4.00 -4.28
N ALA A 194 18.59 3.37 -5.20
CA ALA A 194 19.27 2.10 -4.93
C ALA A 194 20.23 2.24 -3.76
N GLU A 195 20.73 3.45 -3.55
CA GLU A 195 21.61 3.73 -2.43
C GLU A 195 20.83 3.71 -1.13
N GLN A 196 19.65 4.33 -1.14
CA GLN A 196 18.83 4.39 0.06
C GLN A 196 18.29 3.03 0.41
N THR A 197 17.95 2.25 -0.61
CA THR A 197 17.31 0.96 -0.35
C THR A 197 18.31 -0.14 0.02
N LEU A 198 19.59 0.11 -0.22
CA LEU A 198 20.62 -0.88 0.08
C LEU A 198 20.53 -1.43 1.51
N PRO A 199 20.48 -0.53 2.50
CA PRO A 199 20.38 -1.00 3.90
C PRO A 199 19.04 -1.69 4.22
N ILE A 200 17.94 -1.24 3.60
CA ILE A 200 16.63 -1.86 3.76
C ILE A 200 16.68 -3.31 3.29
N LEU A 201 17.13 -3.50 2.06
CA LEU A 201 17.20 -4.83 1.47
C LEU A 201 18.12 -5.75 2.28
N GLU A 202 19.17 -5.17 2.86
CA GLU A 202 20.11 -5.95 3.66
C GLU A 202 19.38 -6.61 4.83
N GLU A 203 18.65 -5.78 5.57
CA GLU A 203 17.88 -6.25 6.71
C GLU A 203 16.76 -7.21 6.31
N LEU A 204 16.22 -7.05 5.10
CA LEU A 204 15.19 -7.97 4.61
C LEU A 204 15.75 -9.38 4.39
N HIS A 205 16.89 -9.44 3.72
CA HIS A 205 17.59 -10.69 3.50
C HIS A 205 17.98 -11.37 4.82
N GLN A 206 18.38 -10.58 5.82
CA GLN A 206 18.78 -11.12 7.12
C GLN A 206 17.65 -11.94 7.76
N HIS A 207 16.41 -11.55 7.49
CA HIS A 207 15.27 -12.18 8.13
C HIS A 207 14.25 -12.75 7.14
N THR A 208 14.73 -13.23 6.01
CA THR A 208 13.84 -13.74 4.97
C THR A 208 13.06 -14.98 5.44
N GLU A 209 13.75 -15.92 6.08
CA GLU A 209 13.06 -17.11 6.59
C GLU A 209 11.85 -16.76 7.46
N GLN A 210 12.01 -15.77 8.32
CA GLN A 210 10.92 -15.40 9.21
C GLN A 210 9.85 -14.60 8.44
N LEU A 211 10.27 -13.74 7.52
CA LEU A 211 9.33 -12.84 6.87
C LEU A 211 8.42 -13.53 5.85
N VAL A 212 8.89 -14.62 5.25
CA VAL A 212 8.10 -15.28 4.23
C VAL A 212 6.90 -16.01 4.86
N GLN A 213 7.00 -16.27 6.17
CA GLN A 213 5.92 -16.95 6.89
C GLN A 213 5.06 -15.99 7.69
N ASP A 214 5.29 -14.68 7.53
CA ASP A 214 4.53 -13.68 8.28
C ASP A 214 3.37 -13.14 7.47
N GLN A 215 2.27 -12.82 8.17
CA GLN A 215 1.04 -12.35 7.54
C GLN A 215 1.23 -11.09 6.68
N TYR A 216 2.14 -10.21 7.10
CA TYR A 216 2.47 -8.99 6.34
C TYR A 216 3.86 -9.05 5.69
N GLY A 217 4.79 -9.72 6.35
CA GLY A 217 6.15 -9.78 5.84
C GLY A 217 6.20 -10.48 4.49
N ASN A 218 5.32 -11.46 4.30
CA ASN A 218 5.30 -12.23 3.06
C ASN A 218 5.08 -11.33 1.84
N TYR A 219 4.34 -10.25 2.05
CA TYR A 219 4.09 -9.25 1.01
C TYR A 219 5.36 -8.48 0.63
N VAL A 220 6.17 -8.13 1.61
CA VAL A 220 7.40 -7.38 1.35
C VAL A 220 8.36 -8.23 0.55
N ILE A 221 8.46 -9.51 0.91
CA ILE A 221 9.33 -10.44 0.19
C ILE A 221 8.86 -10.66 -1.26
N GLN A 222 7.55 -10.78 -1.44
CA GLN A 222 7.00 -10.91 -2.79
C GLN A 222 7.29 -9.69 -3.64
N HIS A 223 7.26 -8.51 -3.02
CA HIS A 223 7.50 -7.27 -3.73
C HIS A 223 8.90 -7.26 -4.32
N VAL A 224 9.89 -7.66 -3.53
CA VAL A 224 11.26 -7.72 -4.01
C VAL A 224 11.35 -8.70 -5.17
N LEU A 225 10.64 -9.83 -5.08
CA LEU A 225 10.67 -10.85 -6.13
C LEU A 225 10.08 -10.34 -7.43
N GLU A 226 9.07 -9.51 -7.31
CA GLU A 226 8.34 -9.00 -8.46
C GLU A 226 9.02 -7.77 -9.08
N HIS A 227 9.64 -6.93 -8.24
CA HIS A 227 10.17 -5.65 -8.70
C HIS A 227 11.66 -5.40 -8.44
N GLY A 228 12.33 -6.31 -7.74
CA GLY A 228 13.69 -6.05 -7.33
C GLY A 228 14.74 -6.34 -8.38
N ARG A 229 16.00 -6.15 -8.01
CA ARG A 229 17.12 -6.57 -8.85
C ARG A 229 17.28 -8.08 -8.79
N PRO A 230 17.79 -8.67 -9.86
CA PRO A 230 18.03 -10.13 -9.89
C PRO A 230 18.88 -10.64 -8.72
N GLU A 231 19.88 -9.89 -8.26
CA GLU A 231 20.73 -10.40 -7.18
C GLU A 231 19.99 -10.53 -5.85
N ASP A 232 18.99 -9.69 -5.63
CA ASP A 232 18.13 -9.79 -4.44
C ASP A 232 17.09 -10.91 -4.59
N LYS A 233 16.58 -11.06 -5.82
CA LYS A 233 15.70 -12.17 -6.15
C LYS A 233 16.42 -13.49 -5.86
N SER A 234 17.65 -13.61 -6.37
CA SER A 234 18.45 -14.81 -6.18
C SER A 234 18.68 -15.13 -4.71
N LYS A 235 18.85 -14.11 -3.89
CA LYS A 235 19.06 -14.29 -2.45
C LYS A 235 17.84 -14.87 -1.75
N ILE A 236 16.66 -14.34 -2.08
CA ILE A 236 15.40 -14.84 -1.56
C ILE A 236 15.17 -16.29 -2.00
N VAL A 237 15.42 -16.57 -3.27
CA VAL A 237 15.28 -17.94 -3.76
C VAL A 237 16.18 -18.93 -3.01
N SER A 238 17.41 -18.53 -2.72
CA SER A 238 18.30 -19.44 -1.98
C SER A 238 17.75 -19.76 -0.58
N GLU A 239 16.96 -18.87 0.01
CA GLU A 239 16.37 -19.11 1.33
C GLU A 239 15.18 -20.09 1.27
N ILE A 240 14.51 -20.14 0.12
CA ILE A 240 13.38 -21.05 -0.09
C ILE A 240 13.89 -22.46 -0.39
N ARG A 241 14.97 -22.56 -1.17
CA ARG A 241 15.50 -23.86 -1.54
C ARG A 241 15.80 -24.69 -0.29
N GLY A 242 15.46 -25.98 -0.34
CA GLY A 242 15.51 -26.83 0.82
C GLY A 242 14.25 -26.79 1.68
N LYS A 243 13.37 -25.81 1.43
CA LYS A 243 12.18 -25.65 2.27
C LYS A 243 10.88 -25.54 1.45
N VAL A 244 10.95 -25.88 0.17
CA VAL A 244 9.82 -25.79 -0.73
C VAL A 244 8.57 -26.51 -0.21
N LEU A 245 8.72 -27.78 0.11
CA LEU A 245 7.57 -28.58 0.52
C LEU A 245 6.86 -28.00 1.74
N ALA A 246 7.63 -27.60 2.76
CA ALA A 246 7.04 -27.05 3.98
C ALA A 246 6.37 -25.69 3.72
N LEU A 247 7.10 -24.79 3.07
CA LEU A 247 6.61 -23.44 2.83
C LEU A 247 5.42 -23.44 1.85
N SER A 248 5.40 -24.37 0.92
CA SER A 248 4.28 -24.51 -0.03
C SER A 248 2.93 -24.79 0.64
N GLN A 249 2.97 -25.48 1.79
CA GLN A 249 1.76 -25.84 2.52
C GLN A 249 1.40 -24.79 3.56
N HIS A 250 2.02 -23.64 3.44
CA HIS A 250 1.87 -22.58 4.44
C HIS A 250 1.03 -21.48 3.82
N LYS A 251 0.06 -20.95 4.57
CA LYS A 251 -0.87 -19.97 4.03
C LYS A 251 -0.20 -18.75 3.41
N PHE A 252 0.74 -18.18 4.14
CA PHE A 252 1.44 -16.99 3.65
C PHE A 252 2.61 -17.32 2.73
N ALA A 253 3.51 -18.20 3.18
CA ALA A 253 4.74 -18.46 2.43
C ALA A 253 4.48 -19.17 1.10
N SER A 254 3.34 -19.84 0.98
CA SER A 254 3.01 -20.52 -0.27
C SER A 254 3.05 -19.50 -1.38
N ASN A 255 2.64 -18.28 -1.07
CA ASN A 255 2.63 -17.19 -2.05
C ASN A 255 4.04 -16.81 -2.47
N VAL A 256 4.93 -16.71 -1.49
CA VAL A 256 6.31 -16.38 -1.76
C VAL A 256 6.90 -17.45 -2.67
N VAL A 257 6.60 -18.72 -2.39
CA VAL A 257 7.14 -19.81 -3.19
C VAL A 257 6.71 -19.68 -4.66
N GLU A 258 5.44 -19.31 -4.89
CA GLU A 258 4.95 -19.06 -6.25
C GLU A 258 5.76 -17.98 -6.98
N LYS A 259 5.99 -16.87 -6.30
CA LYS A 259 6.81 -15.78 -6.85
C LYS A 259 8.27 -16.22 -7.11
N CYS A 260 8.79 -17.10 -6.28
CA CYS A 260 10.14 -17.63 -6.53
C CYS A 260 10.17 -18.44 -7.82
N VAL A 261 9.16 -19.30 -7.99
CA VAL A 261 9.05 -20.11 -9.18
C VAL A 261 8.92 -19.25 -10.43
N THR A 262 8.12 -18.18 -10.33
CA THR A 262 7.90 -17.28 -11.46
C THR A 262 9.12 -16.42 -11.81
N HIS A 263 9.81 -15.91 -10.80
CA HIS A 263 10.82 -14.86 -11.00
C HIS A 263 12.26 -15.34 -10.86
N ALA A 264 12.45 -16.64 -10.62
CA ALA A 264 13.80 -17.21 -10.59
C ALA A 264 14.34 -17.41 -12.00
N SER A 265 15.65 -17.58 -12.13
CA SER A 265 16.23 -17.93 -13.43
C SER A 265 15.73 -19.31 -13.84
N ARG A 266 15.91 -19.68 -15.11
CA ARG A 266 15.54 -21.01 -15.55
C ARG A 266 16.25 -22.04 -14.70
N ALA A 267 17.52 -21.78 -14.38
CA ALA A 267 18.32 -22.72 -13.59
C ALA A 267 17.79 -22.83 -12.17
N GLU A 268 17.46 -21.69 -11.57
CA GLU A 268 16.96 -21.64 -10.21
C GLU A 268 15.60 -22.32 -10.14
N ARG A 269 14.74 -21.99 -11.09
CA ARG A 269 13.40 -22.56 -11.21
C ARG A 269 13.48 -24.08 -11.28
N ALA A 270 14.39 -24.58 -12.09
CA ALA A 270 14.57 -26.03 -12.27
C ALA A 270 14.94 -26.73 -10.96
N LEU A 271 15.77 -26.09 -10.16
CA LEU A 271 16.19 -26.65 -8.88
C LEU A 271 15.07 -26.66 -7.86
N LEU A 272 14.23 -25.62 -7.86
CA LEU A 272 13.05 -25.57 -7.01
C LEU A 272 12.10 -26.71 -7.34
N ILE A 273 11.82 -26.87 -8.63
CA ILE A 273 10.91 -27.90 -9.12
C ILE A 273 11.46 -29.30 -8.85
N ASP A 274 12.77 -29.47 -9.08
CA ASP A 274 13.48 -30.73 -8.83
C ASP A 274 13.21 -31.21 -7.41
N GLU A 275 13.13 -30.25 -6.49
CA GLU A 275 12.98 -30.53 -5.07
C GLU A 275 11.63 -31.15 -4.80
N VAL A 276 10.71 -30.96 -5.75
CA VAL A 276 9.34 -31.45 -5.63
C VAL A 276 9.08 -32.68 -6.51
N CYS A 277 9.59 -32.66 -7.72
CA CYS A 277 9.26 -33.65 -8.74
C CYS A 277 10.21 -34.85 -8.78
N CYS A 278 11.48 -34.58 -8.46
CA CYS A 278 12.56 -35.50 -8.80
C CYS A 278 13.56 -35.71 -7.67
N GLN A 279 13.03 -36.09 -6.51
CA GLN A 279 13.87 -36.36 -5.35
C GLN A 279 13.15 -37.41 -4.52
N ASN A 280 13.88 -38.02 -3.58
CA ASN A 280 13.30 -39.05 -2.71
C ASN A 280 13.74 -38.90 -1.26
N ASP A 281 12.82 -38.47 -0.41
CA ASP A 281 13.12 -38.28 1.00
C ASP A 281 11.88 -38.56 1.86
N GLY A 282 11.65 -39.84 2.14
CA GLY A 282 10.54 -40.24 2.99
C GLY A 282 9.48 -41.04 2.25
N PRO A 283 8.74 -41.84 3.00
CA PRO A 283 7.67 -42.67 2.42
C PRO A 283 6.49 -41.83 1.96
N HIS A 284 6.71 -40.97 0.98
CA HIS A 284 5.65 -40.11 0.46
C HIS A 284 6.26 -39.32 -0.70
N SER A 285 5.45 -39.09 -1.74
CA SER A 285 5.85 -38.26 -2.86
C SER A 285 5.54 -36.79 -2.59
N ALA A 286 6.59 -36.00 -2.35
CA ALA A 286 6.44 -34.58 -2.07
C ALA A 286 5.33 -33.98 -2.95
N LEU A 287 5.33 -34.35 -4.22
CA LEU A 287 4.31 -33.88 -5.16
C LEU A 287 2.91 -34.31 -4.74
N TYR A 288 2.78 -35.58 -4.34
CA TYR A 288 1.50 -36.11 -3.87
C TYR A 288 0.93 -35.25 -2.73
N THR A 289 1.75 -34.99 -1.72
CA THR A 289 1.37 -34.12 -0.61
C THR A 289 0.90 -32.76 -1.09
N MET A 290 1.69 -32.14 -1.96
CA MET A 290 1.40 -30.79 -2.44
C MET A 290 0.16 -30.69 -3.33
N MET A 291 -0.03 -31.67 -4.23
CA MET A 291 -1.18 -31.70 -5.17
C MET A 291 -2.47 -31.30 -4.48
N LYS A 292 -2.73 -31.91 -3.33
CA LYS A 292 -4.04 -31.82 -2.71
C LYS A 292 -4.06 -30.96 -1.47
N ASP A 293 -2.97 -30.24 -1.24
CA ASP A 293 -2.95 -29.32 -0.12
C ASP A 293 -3.66 -28.04 -0.52
N GLN A 294 -4.30 -27.41 0.45
CA GLN A 294 -5.12 -26.23 0.20
C GLN A 294 -4.32 -25.06 -0.39
N TYR A 295 -3.05 -24.99 -0.04
CA TYR A 295 -2.19 -23.91 -0.50
C TYR A 295 -1.16 -24.42 -1.50
N ALA A 296 -0.63 -25.61 -1.27
CA ALA A 296 0.45 -26.11 -2.11
C ALA A 296 0.00 -26.42 -3.54
N ASN A 297 -1.29 -26.74 -3.69
CA ASN A 297 -1.79 -27.08 -5.01
C ASN A 297 -1.54 -25.92 -5.97
N TYR A 298 -1.63 -24.70 -5.46
CA TYR A 298 -1.32 -23.49 -6.22
C TYR A 298 0.14 -23.44 -6.64
N VAL A 299 1.03 -23.89 -5.76
CA VAL A 299 2.44 -23.94 -6.10
C VAL A 299 2.68 -24.97 -7.21
N VAL A 300 1.99 -26.11 -7.13
CA VAL A 300 2.14 -27.16 -8.14
C VAL A 300 1.73 -26.66 -9.53
N GLN A 301 0.66 -25.87 -9.57
CA GLN A 301 0.15 -25.31 -10.82
C GLN A 301 1.18 -24.41 -11.46
N LYS A 302 1.82 -23.56 -10.65
CA LYS A 302 2.85 -22.66 -11.16
C LYS A 302 4.04 -23.44 -11.72
N MET A 303 4.41 -24.51 -11.03
CA MET A 303 5.52 -25.34 -11.50
C MET A 303 5.20 -26.00 -12.83
N ILE A 304 4.00 -26.56 -12.93
CA ILE A 304 3.55 -27.17 -14.18
C ILE A 304 3.60 -26.12 -15.29
N ASP A 305 3.09 -24.93 -14.99
CA ASP A 305 3.10 -23.84 -15.95
C ASP A 305 4.52 -23.44 -16.38
N MET A 306 5.43 -23.32 -15.40
CA MET A 306 6.76 -22.80 -15.65
C MET A 306 7.81 -23.87 -15.98
N ALA A 307 7.45 -25.14 -15.93
CA ALA A 307 8.43 -26.21 -16.10
C ALA A 307 8.93 -26.35 -17.54
N GLU A 308 10.16 -26.82 -17.69
CA GLU A 308 10.66 -27.22 -19.01
C GLU A 308 9.95 -28.53 -19.35
N PRO A 309 9.79 -28.80 -20.67
CA PRO A 309 9.08 -29.99 -21.15
C PRO A 309 9.44 -31.25 -20.35
N ALA A 310 10.72 -31.52 -20.22
CA ALA A 310 11.19 -32.69 -19.48
C ALA A 310 10.63 -32.80 -18.05
N GLN A 311 10.82 -31.74 -17.25
CA GLN A 311 10.34 -31.75 -15.86
C GLN A 311 8.82 -31.83 -15.77
N ARG A 312 8.17 -31.33 -16.81
CA ARG A 312 6.71 -31.33 -16.88
C ARG A 312 6.18 -32.75 -17.11
N LYS A 313 6.79 -33.48 -18.04
CA LYS A 313 6.45 -34.88 -18.25
C LYS A 313 6.53 -35.69 -16.94
N ILE A 314 7.59 -35.51 -16.17
CA ILE A 314 7.74 -36.25 -14.91
C ILE A 314 6.66 -35.86 -13.92
N ILE A 315 6.42 -34.56 -13.78
CA ILE A 315 5.33 -34.12 -12.90
C ILE A 315 4.00 -34.75 -13.35
N MET A 316 3.78 -34.82 -14.66
CA MET A 316 2.51 -35.37 -15.14
C MET A 316 2.39 -36.87 -14.93
N HIS A 317 3.48 -37.59 -15.17
CA HIS A 317 3.51 -39.03 -14.94
C HIS A 317 3.30 -39.37 -13.46
N LYS A 318 3.81 -38.52 -12.57
CA LYS A 318 3.67 -38.76 -11.14
C LYS A 318 2.31 -38.31 -10.57
N ILE A 319 1.53 -37.60 -11.38
CA ILE A 319 0.17 -37.24 -10.98
C ILE A 319 -0.84 -38.23 -11.57
N ARG A 320 -0.58 -38.61 -12.82
CA ARG A 320 -1.42 -39.52 -13.61
C ARG A 320 -2.18 -40.60 -12.82
N PRO A 321 -1.47 -41.37 -11.98
CA PRO A 321 -2.14 -42.46 -11.24
C PRO A 321 -3.08 -42.01 -10.12
N HIS A 322 -2.99 -40.75 -9.70
CA HIS A 322 -3.72 -40.29 -8.52
C HIS A 322 -4.97 -39.48 -8.87
N ILE A 323 -5.51 -39.72 -10.06
CA ILE A 323 -6.73 -39.07 -10.50
C ILE A 323 -7.85 -39.29 -9.48
N THR A 324 -8.13 -40.55 -9.17
CA THR A 324 -9.18 -40.89 -8.21
C THR A 324 -8.93 -40.21 -6.86
N THR A 325 -7.68 -40.24 -6.41
CA THR A 325 -7.30 -39.53 -5.20
C THR A 325 -7.80 -38.08 -5.30
N LEU A 326 -7.27 -37.33 -6.27
CA LEU A 326 -7.61 -35.93 -6.44
C LEU A 326 -9.12 -35.74 -6.39
N ARG A 327 -9.85 -36.47 -7.24
CA ARG A 327 -11.31 -36.46 -7.24
C ARG A 327 -11.92 -36.01 -5.92
N LYS A 328 -11.51 -36.67 -4.83
CA LYS A 328 -12.15 -36.44 -3.54
C LYS A 328 -11.80 -35.06 -2.99
N TYR A 329 -10.57 -34.61 -3.25
CA TYR A 329 -10.08 -33.35 -2.70
C TYR A 329 -10.51 -32.16 -3.55
N THR A 330 -11.02 -31.13 -2.89
CA THR A 330 -11.35 -29.87 -3.55
C THR A 330 -10.15 -29.27 -4.28
N TYR A 331 -9.00 -29.32 -3.63
CA TYR A 331 -7.86 -28.54 -4.05
C TYR A 331 -7.16 -29.11 -5.26
N GLY A 332 -7.43 -30.38 -5.56
CA GLY A 332 -6.76 -31.01 -6.69
C GLY A 332 -7.48 -30.71 -7.99
N LYS A 333 -8.57 -29.96 -7.90
CA LYS A 333 -9.52 -29.83 -9.02
C LYS A 333 -9.24 -28.66 -9.94
N HIS A 334 -7.97 -28.26 -10.00
CA HIS A 334 -7.43 -27.44 -11.06
C HIS A 334 -6.23 -28.17 -11.65
N ILE A 335 -5.51 -28.88 -10.78
CA ILE A 335 -4.42 -29.75 -11.19
C ILE A 335 -4.93 -30.82 -12.14
N LEU A 336 -6.12 -31.34 -11.85
CA LEU A 336 -6.74 -32.36 -12.69
C LEU A 336 -7.04 -31.82 -14.07
N ALA A 337 -7.41 -30.55 -14.15
CA ALA A 337 -7.71 -29.94 -15.44
C ALA A 337 -6.45 -30.02 -16.30
N LYS A 338 -5.34 -29.52 -15.77
CA LYS A 338 -4.09 -29.48 -16.52
C LYS A 338 -3.67 -30.88 -16.94
N LEU A 339 -3.88 -31.87 -16.06
CA LEU A 339 -3.55 -33.25 -16.39
C LEU A 339 -4.34 -33.74 -17.60
N GLU A 340 -5.65 -33.58 -17.55
CA GLU A 340 -6.50 -34.10 -18.61
C GLU A 340 -6.17 -33.45 -19.94
N LYS A 341 -5.95 -32.14 -19.93
CA LYS A 341 -5.71 -31.42 -21.17
C LYS A 341 -4.24 -31.46 -21.55
N TYR A 342 -3.48 -32.30 -20.86
CA TYR A 342 -2.08 -32.56 -21.20
C TYR A 342 -1.97 -33.94 -21.85
N TYR A 343 -2.62 -34.93 -21.24
CA TYR A 343 -2.63 -36.28 -21.80
C TYR A 343 -3.43 -36.36 -23.11
#